data_5O2E
#
_entry.id   5O2E
#
_cell.length_a   39.180
_cell.length_b   78.890
_cell.length_c   133.060
_cell.angle_alpha   90.00
_cell.angle_beta   90.00
_cell.angle_gamma   90.00
#
_symmetry.space_group_name_H-M   'P 21 21 21'
#
loop_
_entity.id
_entity.type
_entity.pdbx_description
1 polymer 'Metallo-beta-lactamase type 2'
2 non-polymer 'ZINC ION'
3 non-polymer 'SULFATE ION'
4 non-polymer '(2R,5S)-5-[(carbamoyloxy)methyl]-2-[(R)-carboxy{[(2Z)-2-(furan-2-yl)-2-(methoxyimino)acetyl]amino}methyl]-5,6-dihydro-2H-1,3-thiazine-4-carboxylic acid'
5 non-polymer 'UNKNOWN LIGAND'
6 water water
#
_entity_poly.entity_id   1
_entity_poly.type   'polypeptide(L)'
_entity_poly.pdbx_seq_one_letter_code
;GEIRPTIGQQMETGDQRFGDLVFRQLAPNVWQHTSYLDMPGFGAVASNGLIVRDGGRVLVVDTAWTDDQTAQILNWIKQE
INLPVALAVVTHAHQDKMGGMDALHAAGIATYANALSNQLAPQEGMVAAQHSLTFAANGWVEPATAPNFGPLKVFYPGPG
HTSDNITVGIDGTDIAFGGCLIKDSKAKSLGNLGDADTEHYAASARAFGAAFPKASMIVMSHSAPDSRAAITHTARMADK
LR
;
_entity_poly.pdbx_strand_id   A,B
#
loop_
_chem_comp.id
_chem_comp.type
_chem_comp.name
_chem_comp.formula
3S0 non-polymer '(2R,5S)-5-[(carbamoyloxy)methyl]-2-[(R)-carboxy{[(2Z)-2-(furan-2-yl)-2-(methoxyimino)acetyl]amino}methyl]-5,6-dihydro-2H-1,3-thiazine-4-carboxylic acid' 'C16 H18 N4 O9 S'
SO4 non-polymer 'SULFATE ION' 'O4 S -2'
UNL non-polymer 'UNKNOWN LIGAND' ?
ZN non-polymer 'ZINC ION' 'Zn 2'
#
# COMPACT_ATOMS: atom_id res chain seq x y z
N ARG A 4 7.74 2.15 -11.42
CA ARG A 4 6.26 1.95 -11.25
C ARG A 4 6.02 1.37 -9.85
N PRO A 5 6.01 2.24 -8.84
CA PRO A 5 5.97 1.70 -7.47
C PRO A 5 4.69 0.94 -7.16
N THR A 6 4.84 -0.08 -6.34
CA THR A 6 3.69 -0.80 -5.80
C THR A 6 2.81 0.10 -4.95
N ILE A 7 3.45 0.94 -4.13
CA ILE A 7 2.75 1.89 -3.25
C ILE A 7 3.22 3.29 -3.58
N GLN A 10 2.72 7.45 -8.63
CA GLN A 10 3.14 7.13 -10.01
C GLN A 10 3.66 8.40 -10.72
N MET A 11 4.47 8.20 -11.78
CA MET A 11 5.09 9.35 -12.49
C MET A 11 4.13 9.96 -13.51
N GLU A 12 4.08 11.29 -13.55
CA GLU A 12 3.18 12.06 -14.42
C GLU A 12 3.92 13.21 -15.12
N THR A 13 3.22 13.96 -15.97
CA THR A 13 3.77 15.17 -16.60
C THR A 13 4.17 16.18 -15.53
N GLY A 14 5.31 16.84 -15.75
CA GLY A 14 5.89 17.75 -14.75
C GLY A 14 6.90 17.09 -13.81
N ASP A 15 7.07 15.76 -13.94
CA ASP A 15 8.06 15.04 -13.15
C ASP A 15 9.35 14.84 -13.94
N GLN A 16 10.47 14.95 -13.22
CA GLN A 16 11.81 14.75 -13.75
C GLN A 16 12.41 13.56 -13.08
N ARG A 17 12.78 12.54 -13.84
CA ARG A 17 13.60 11.45 -13.34
C ARG A 17 15.04 11.90 -13.26
N PHE A 18 15.68 11.57 -12.16
CA PHE A 18 17.09 11.78 -11.99
C PHE A 18 17.65 10.61 -11.22
N GLY A 19 18.47 9.81 -11.88
CA GLY A 19 18.90 8.55 -11.31
C GLY A 19 17.68 7.75 -10.94
N ASP A 20 17.67 7.28 -9.70
CA ASP A 20 16.56 6.47 -9.14
C ASP A 20 15.43 7.28 -8.47
N LEU A 21 15.48 8.60 -8.62
CA LEU A 21 14.54 9.47 -7.94
CA LEU A 21 14.60 9.57 -7.96
C LEU A 21 13.71 10.26 -8.94
N VAL A 22 12.64 10.88 -8.45
CA VAL A 22 11.79 11.76 -9.22
C VAL A 22 11.69 13.10 -8.52
N PHE A 23 11.78 14.21 -9.26
CA PHE A 23 11.64 15.56 -8.73
C PHE A 23 10.51 16.27 -9.41
N ARG A 24 9.76 17.07 -8.69
CA ARG A 24 8.64 17.85 -9.23
C ARG A 24 8.66 19.24 -8.64
N GLN A 25 8.75 20.26 -9.48
CA GLN A 25 8.64 21.63 -8.99
C GLN A 25 7.23 21.97 -8.56
N LEU A 26 7.08 22.44 -7.33
CA LEU A 26 5.78 22.83 -6.78
C LEU A 26 5.55 24.34 -6.73
N ALA A 27 6.63 25.11 -6.66
CA ALA A 27 6.58 26.57 -6.57
C ALA A 27 7.92 27.08 -7.08
N PRO A 28 8.06 28.39 -7.32
CA PRO A 28 9.33 28.90 -7.84
C PRO A 28 10.59 28.46 -7.06
N ASN A 29 10.46 28.27 -5.74
CA ASN A 29 11.61 27.87 -4.93
CA ASN A 29 11.59 27.92 -4.88
C ASN A 29 11.36 26.62 -4.10
N VAL A 30 10.45 25.78 -4.57
CA VAL A 30 10.11 24.54 -3.86
C VAL A 30 9.94 23.38 -4.78
N TRP A 31 10.59 22.26 -4.45
CA TRP A 31 10.50 21.02 -5.22
C TRP A 31 10.16 19.86 -4.29
N GLN A 32 9.44 18.87 -4.80
CA GLN A 32 9.20 17.61 -4.12
C GLN A 32 10.21 16.59 -4.60
N HIS A 33 10.90 15.90 -3.66
CA HIS A 33 11.73 14.77 -3.99
C HIS A 33 10.96 13.49 -3.70
N THR A 34 11.12 12.50 -4.56
CA THR A 34 10.52 11.17 -4.37
C THR A 34 11.55 10.09 -4.57
N SER A 35 11.63 9.16 -3.62
CA SER A 35 12.53 8.02 -3.67
C SER A 35 11.72 6.73 -3.40
N TYR A 36 12.33 5.58 -3.72
CA TYR A 36 11.59 4.31 -3.74
C TYR A 36 12.35 3.23 -3.01
N LEU A 37 11.65 2.53 -2.12
CA LEU A 37 12.23 1.38 -1.43
C LEU A 37 11.71 0.12 -2.09
N ASP A 38 12.60 -0.69 -2.67
CA ASP A 38 12.22 -1.98 -3.27
C ASP A 38 12.13 -3.02 -2.17
N MET A 39 10.94 -3.56 -1.98
CA MET A 39 10.76 -4.64 -1.00
C MET A 39 10.64 -5.96 -1.74
N PRO A 40 11.57 -6.91 -1.48
CA PRO A 40 11.50 -8.26 -2.08
C PRO A 40 10.13 -8.91 -1.98
N GLY A 41 9.61 -9.35 -3.13
CA GLY A 41 8.31 -10.04 -3.20
C GLY A 41 7.12 -9.12 -3.26
N PHE A 42 7.35 -7.80 -3.10
CA PHE A 42 6.28 -6.82 -2.84
C PHE A 42 6.32 -5.61 -3.76
N GLY A 43 7.52 -5.11 -4.03
CA GLY A 43 7.73 -4.05 -5.02
C GLY A 43 8.16 -2.78 -4.32
N ALA A 44 8.04 -1.69 -5.04
CA ALA A 44 8.62 -0.43 -4.58
C ALA A 44 7.62 0.46 -3.87
N VAL A 45 8.08 1.17 -2.83
CA VAL A 45 7.24 2.07 -2.04
C VAL A 45 7.80 3.51 -2.16
N ALA A 46 6.99 4.43 -2.65
CA ALA A 46 7.39 5.83 -2.79
C ALA A 46 7.33 6.58 -1.49
N SER A 47 8.28 7.50 -1.30
CA SER A 47 8.19 8.48 -0.21
C SER A 47 8.65 9.83 -0.74
N ASN A 48 7.95 10.87 -0.28
CA ASN A 48 8.18 12.26 -0.72
C ASN A 48 8.75 13.11 0.42
N GLY A 49 9.68 14.00 0.03
CA GLY A 49 10.10 15.11 0.88
C GLY A 49 10.16 16.40 0.06
N LEU A 50 10.80 17.42 0.65
CA LEU A 50 10.84 18.73 0.00
C LEU A 50 12.27 19.28 -0.10
N ILE A 51 12.46 20.16 -1.09
CA ILE A 51 13.68 20.92 -1.31
C ILE A 51 13.25 22.37 -1.43
N VAL A 52 13.85 23.26 -0.63
CA VAL A 52 13.46 24.65 -0.62
C VAL A 52 14.70 25.52 -0.87
N ARG A 53 14.60 26.43 -1.83
CA ARG A 53 15.67 27.44 -2.04
C ARG A 53 15.28 28.72 -1.30
N ASP A 54 16.12 29.20 -0.39
CA ASP A 54 15.91 30.41 0.43
C ASP A 54 17.22 31.19 0.56
N GLY A 55 17.26 32.48 0.25
CA GLY A 55 18.43 33.30 0.61
C GLY A 55 19.80 32.70 0.33
N GLY A 56 20.00 32.21 -0.93
CA GLY A 56 21.26 31.64 -1.45
C GLY A 56 21.60 30.27 -0.93
N ARG A 57 20.65 29.62 -0.26
CA ARG A 57 20.90 28.29 0.25
C ARG A 57 19.72 27.40 -0.03
N VAL A 58 19.97 26.12 0.17
CA VAL A 58 18.91 25.10 0.02
C VAL A 58 18.68 24.46 1.39
N LEU A 59 17.39 24.23 1.67
CA LEU A 59 16.95 23.56 2.88
C LEU A 59 16.19 22.30 2.45
N VAL A 60 16.47 21.19 3.12
CA VAL A 60 15.84 19.91 2.79
C VAL A 60 14.89 19.47 3.89
N VAL A 61 13.73 18.94 3.49
CA VAL A 61 12.80 18.32 4.42
C VAL A 61 12.75 16.84 4.04
N ASP A 62 13.21 16.01 4.99
CA ASP A 62 13.28 14.55 4.91
C ASP A 62 14.38 14.03 4.02
N THR A 63 15.00 12.93 4.45
CA THR A 63 15.93 12.22 3.56
C THR A 63 15.13 11.34 2.60
N ALA A 64 15.83 10.64 1.74
CA ALA A 64 15.28 9.49 1.01
C ALA A 64 15.39 8.26 1.90
N TRP A 65 14.96 7.11 1.35
CA TRP A 65 15.00 5.88 2.13
C TRP A 65 16.42 5.40 2.52
N THR A 66 17.42 5.73 1.67
CA THR A 66 18.78 5.24 1.87
C THR A 66 19.80 6.35 1.72
N ASP A 67 21.00 6.07 2.20
CA ASP A 67 22.10 6.98 2.06
C ASP A 67 22.40 7.24 0.59
N ASP A 68 22.43 6.17 -0.22
CA ASP A 68 22.75 6.40 -1.64
C ASP A 68 21.70 7.26 -2.33
N GLN A 69 20.43 7.01 -2.03
CA GLN A 69 19.39 7.83 -2.65
C GLN A 69 19.49 9.28 -2.17
N THR A 70 19.86 9.46 -0.91
CA THR A 70 20.00 10.82 -0.37
C THR A 70 21.19 11.56 -1.01
N ALA A 71 22.29 10.85 -1.26
CA ALA A 71 23.41 11.43 -2.01
C ALA A 71 22.94 11.81 -3.41
N GLN A 72 22.03 11.03 -4.01
CA GLN A 72 21.47 11.41 -5.30
C GLN A 72 20.63 12.68 -5.23
N ILE A 73 19.87 12.89 -4.14
CA ILE A 73 19.20 14.16 -3.95
C ILE A 73 20.21 15.32 -3.97
N LEU A 74 21.29 15.13 -3.23
CA LEU A 74 22.28 16.19 -3.15
C LEU A 74 22.91 16.47 -4.53
N ASN A 75 23.11 15.42 -5.31
CA ASN A 75 23.66 15.61 -6.67
C ASN A 75 22.64 16.33 -7.55
N TRP A 76 21.35 16.00 -7.44
CA TRP A 76 20.35 16.73 -8.18
C TRP A 76 20.35 18.23 -7.82
N ILE A 77 20.46 18.52 -6.53
CA ILE A 77 20.50 19.87 -6.08
C ILE A 77 21.71 20.60 -6.69
N LYS A 78 22.87 19.94 -6.69
CA LYS A 78 24.07 20.51 -7.33
C LYS A 78 23.83 20.85 -8.78
N GLN A 79 23.22 19.95 -9.51
CA GLN A 79 23.06 20.13 -10.95
C GLN A 79 21.99 21.16 -11.29
N GLU A 80 20.87 21.16 -10.58
CA GLU A 80 19.71 21.97 -10.90
C GLU A 80 19.67 23.34 -10.21
N ILE A 81 20.24 23.43 -9.02
CA ILE A 81 20.15 24.63 -8.20
C ILE A 81 21.53 25.21 -7.96
N ASN A 82 22.50 24.35 -7.67
CA ASN A 82 23.89 24.76 -7.50
C ASN A 82 24.08 25.85 -6.44
N LEU A 83 23.55 25.54 -5.24
CA LEU A 83 23.68 26.39 -4.05
C LEU A 83 23.98 25.46 -2.89
N PRO A 84 24.63 25.98 -1.87
CA PRO A 84 24.95 25.17 -0.71
C PRO A 84 23.69 24.70 0.00
N VAL A 85 23.72 23.46 0.50
CA VAL A 85 22.63 22.92 1.30
C VAL A 85 22.96 23.21 2.75
N ALA A 86 22.17 24.11 3.36
CA ALA A 86 22.48 24.61 4.68
C ALA A 86 22.05 23.66 5.80
N LEU A 87 20.85 23.07 5.69
CA LEU A 87 20.34 22.26 6.75
C LEU A 87 19.26 21.35 6.20
N ALA A 88 18.95 20.35 7.00
CA ALA A 88 17.80 19.47 6.76
C ALA A 88 17.01 19.33 8.03
N VAL A 89 15.69 19.23 7.89
CA VAL A 89 14.71 18.92 8.95
CA VAL A 89 14.82 18.85 8.99
C VAL A 89 14.10 17.57 8.57
N VAL A 90 14.12 16.61 9.49
CA VAL A 90 13.55 15.27 9.23
C VAL A 90 12.37 15.05 10.18
N THR A 91 11.27 14.47 9.65
CA THR A 91 9.96 14.64 10.29
C THR A 91 9.46 13.51 11.17
N HIS A 92 10.17 12.40 11.22
CA HIS A 92 10.07 11.42 12.31
C HIS A 92 11.07 10.31 12.08
N ALA A 93 11.21 9.48 13.11
CA ALA A 93 12.23 8.43 13.12
C ALA A 93 11.73 7.14 12.47
N HIS A 94 11.53 7.17 11.17
CA HIS A 94 11.27 5.98 10.35
C HIS A 94 12.17 6.10 9.11
N GLN A 95 12.38 4.98 8.42
CA GLN A 95 13.34 4.90 7.32
C GLN A 95 13.04 5.83 6.17
N ASP A 96 11.77 6.05 5.85
CA ASP A 96 11.42 6.90 4.73
C ASP A 96 11.84 8.34 4.96
N LYS A 97 11.92 8.77 6.23
CA LYS A 97 12.25 10.17 6.55
C LYS A 97 13.69 10.35 7.01
N MET A 98 14.31 9.29 7.56
CA MET A 98 15.64 9.40 8.20
CA MET A 98 15.61 9.37 8.22
C MET A 98 16.62 8.37 7.71
N GLY A 99 16.28 7.60 6.68
CA GLY A 99 17.17 6.56 6.24
C GLY A 99 18.50 7.04 5.67
N GLY A 100 18.58 8.31 5.29
CA GLY A 100 19.77 8.87 4.67
C GLY A 100 20.55 9.88 5.46
N MET A 101 20.45 9.84 6.78
CA MET A 101 21.13 10.82 7.59
C MET A 101 22.65 10.84 7.40
N ASP A 102 23.28 9.67 7.29
CA ASP A 102 24.73 9.64 7.14
C ASP A 102 25.18 10.38 5.89
N ALA A 103 24.42 10.30 4.81
CA ALA A 103 24.77 11.04 3.58
C ALA A 103 24.75 12.54 3.83
N LEU A 104 23.74 13.02 4.55
CA LEU A 104 23.66 14.45 4.87
C LEU A 104 24.87 14.84 5.72
N HIS A 105 25.17 14.05 6.73
CA HIS A 105 26.26 14.38 7.66
C HIS A 105 27.60 14.41 6.96
N ALA A 106 27.82 13.47 6.08
CA ALA A 106 29.08 13.39 5.35
C ALA A 106 29.29 14.65 4.52
N ALA A 107 28.19 15.21 3.97
CA ALA A 107 28.22 16.39 3.13
C ALA A 107 28.34 17.69 3.92
N GLY A 108 28.42 17.63 5.25
CA GLY A 108 28.54 18.82 6.04
C GLY A 108 27.23 19.56 6.28
N ILE A 109 26.09 18.88 6.08
CA ILE A 109 24.78 19.51 6.24
C ILE A 109 24.37 19.33 7.69
N ALA A 110 23.91 20.41 8.29
CA ALA A 110 23.40 20.41 9.65
C ALA A 110 21.99 19.81 9.66
N THR A 111 21.76 18.89 10.61
CA THR A 111 20.48 18.18 10.67
C THR A 111 19.74 18.44 11.94
N TYR A 112 18.40 18.49 11.79
CA TYR A 112 17.50 18.82 12.88
C TYR A 112 16.34 17.85 12.88
N ALA A 113 15.94 17.41 14.07
CA ALA A 113 14.77 16.58 14.23
C ALA A 113 14.17 16.87 15.59
N ASN A 114 12.90 16.53 15.80
CA ASN A 114 12.33 16.52 17.16
C ASN A 114 13.27 15.75 18.09
N ALA A 115 13.48 16.27 19.29
CA ALA A 115 14.27 15.58 20.30
C ALA A 115 13.79 14.11 20.42
N LEU A 116 12.47 13.90 20.45
CA LEU A 116 11.94 12.56 20.57
C LEU A 116 12.33 11.68 19.39
N SER A 117 12.34 12.26 18.18
CA SER A 117 12.83 11.51 17.05
C SER A 117 14.28 11.06 17.21
N ASN A 118 15.11 11.96 17.73
CA ASN A 118 16.49 11.61 17.97
C ASN A 118 16.64 10.52 19.01
N GLN A 119 15.80 10.55 20.05
CA GLN A 119 15.82 9.53 21.10
C GLN A 119 15.35 8.19 20.56
N LEU A 120 14.33 8.20 19.70
CA LEU A 120 13.81 6.97 19.10
C LEU A 120 14.71 6.43 18.01
N ALA A 121 15.44 7.32 17.36
CA ALA A 121 16.20 6.93 16.15
C ALA A 121 16.95 5.61 16.21
N PRO A 122 17.82 5.46 17.21
N PRO A 122 17.84 5.44 17.19
CA PRO A 122 18.59 4.19 17.22
CA PRO A 122 18.56 4.14 17.16
C PRO A 122 17.70 2.97 17.40
C PRO A 122 17.65 2.95 17.35
N GLN A 123 16.62 3.10 18.17
CA GLN A 123 15.67 2.03 18.37
C GLN A 123 14.90 1.66 17.10
N GLU A 124 14.78 2.62 16.18
CA GLU A 124 14.09 2.47 14.89
C GLU A 124 15.08 2.14 13.76
N GLY A 125 16.36 1.95 14.08
CA GLY A 125 17.35 1.62 13.06
C GLY A 125 17.94 2.82 12.36
N MET A 126 17.74 4.04 12.90
CA MET A 126 18.12 5.27 12.22
C MET A 126 19.26 5.93 12.97
N VAL A 127 20.05 6.69 12.24
CA VAL A 127 21.04 7.65 12.79
C VAL A 127 20.28 8.90 13.22
N ALA A 128 20.54 9.38 14.41
CA ALA A 128 19.94 10.58 14.93
C ALA A 128 20.41 11.82 14.16
N ALA A 129 19.57 12.85 14.13
CA ALA A 129 20.01 14.16 13.65
C ALA A 129 21.02 14.74 14.67
N GLN A 130 21.78 15.73 14.24
CA GLN A 130 22.80 16.36 15.06
C GLN A 130 22.26 17.30 16.12
N HIS A 131 21.09 17.84 15.85
CA HIS A 131 20.43 18.84 16.66
C HIS A 131 19.01 18.43 16.95
N SER A 132 18.55 18.75 18.15
CA SER A 132 17.17 18.49 18.59
C SER A 132 16.33 19.75 18.64
N LEU A 133 15.19 19.67 17.98
CA LEU A 133 14.13 20.65 18.09
C LEU A 133 13.26 20.34 19.30
N THR A 134 12.84 21.37 20.01
CA THR A 134 11.84 21.21 21.06
C THR A 134 10.69 22.13 20.74
N PHE A 135 9.57 21.90 21.40
CA PHE A 135 8.29 22.48 21.06
C PHE A 135 7.60 23.01 22.30
N ALA A 136 6.90 24.13 22.12
CA ALA A 136 5.96 24.63 23.11
C ALA A 136 4.77 23.70 23.27
N ALA A 137 3.98 23.91 24.32
CA ALA A 137 2.78 23.17 24.53
C ALA A 137 1.75 23.35 23.43
N ASN A 138 1.79 24.49 22.76
CA ASN A 138 0.92 24.75 21.61
C ASN A 138 1.40 24.16 20.32
N GLY A 139 2.54 23.48 20.32
CA GLY A 139 3.07 22.78 19.15
C GLY A 139 4.11 23.52 18.37
N TRP A 140 4.26 24.82 18.54
CA TRP A 140 5.23 25.53 17.73
C TRP A 140 6.66 25.30 18.24
N VAL A 141 7.60 25.19 17.29
CA VAL A 141 8.99 24.97 17.65
C VAL A 141 9.50 26.11 18.53
N GLU A 142 10.34 25.76 19.49
CA GLU A 142 11.03 26.74 20.32
CA GLU A 142 11.07 26.72 20.33
C GLU A 142 12.12 27.40 19.45
N PRO A 143 12.00 28.72 19.21
N PRO A 143 12.01 28.72 19.25
CA PRO A 143 12.78 29.42 18.18
CA PRO A 143 12.78 29.36 18.16
C PRO A 143 14.30 29.22 18.25
C PRO A 143 14.30 29.22 18.25
N ALA A 144 14.84 29.26 19.46
CA ALA A 144 16.28 29.09 19.63
C ALA A 144 16.79 27.72 19.17
N THR A 145 15.92 26.68 19.13
CA THR A 145 16.33 25.37 18.68
C THR A 145 16.32 25.24 17.16
N ALA A 146 15.76 26.23 16.44
CA ALA A 146 15.62 26.18 14.97
C ALA A 146 16.21 27.46 14.39
N PRO A 147 17.52 27.65 14.53
CA PRO A 147 18.08 28.91 14.05
C PRO A 147 18.25 28.84 12.51
N ASN A 148 18.15 30.01 11.87
CA ASN A 148 18.39 30.23 10.47
C ASN A 148 17.51 29.30 9.65
N PHE A 149 16.27 29.15 10.03
CA PHE A 149 15.32 28.28 9.29
C PHE A 149 14.61 28.95 8.12
N GLY A 150 14.90 30.24 7.89
CA GLY A 150 14.36 30.87 6.70
C GLY A 150 12.85 30.84 6.73
N PRO A 151 12.23 30.37 5.63
CA PRO A 151 10.77 30.33 5.57
C PRO A 151 10.14 29.10 6.24
N LEU A 152 10.96 28.19 6.78
CA LEU A 152 10.38 26.97 7.32
C LEU A 152 9.78 27.23 8.68
N LYS A 153 8.54 26.83 8.84
CA LYS A 153 7.77 26.98 10.08
C LYS A 153 7.44 25.58 10.60
N VAL A 154 8.09 25.18 11.67
CA VAL A 154 8.03 23.81 12.14
C VAL A 154 7.05 23.68 13.29
N PHE A 155 6.14 22.71 13.15
CA PHE A 155 5.02 22.54 14.06
C PHE A 155 4.87 21.08 14.46
N TYR A 156 4.79 20.81 15.74
CA TYR A 156 4.51 19.48 16.27
C TYR A 156 3.03 19.39 16.59
N PRO A 157 2.27 18.60 15.83
CA PRO A 157 0.82 18.64 15.98
C PRO A 157 0.26 17.75 17.05
N GLY A 158 1.10 16.93 17.68
CA GLY A 158 0.69 15.94 18.65
C GLY A 158 0.90 14.56 18.04
N PRO A 159 0.72 13.52 18.89
CA PRO A 159 0.93 12.16 18.38
C PRO A 159 -0.11 11.79 17.34
N GLY A 160 0.35 11.04 16.33
CA GLY A 160 -0.55 10.61 15.27
C GLY A 160 -0.05 9.38 14.59
N HIS A 161 0.57 9.54 13.42
CA HIS A 161 1.24 8.45 12.75
C HIS A 161 2.32 7.83 13.66
N THR A 162 3.07 8.69 14.34
CA THR A 162 3.94 8.29 15.44
C THR A 162 3.84 9.33 16.52
N SER A 163 4.45 9.08 17.69
CA SER A 163 4.43 10.07 18.73
CA SER A 163 4.41 10.08 18.73
C SER A 163 5.32 11.27 18.44
N ASP A 164 6.31 11.12 17.56
CA ASP A 164 7.31 12.15 17.29
C ASP A 164 7.05 12.96 16.04
N ASN A 165 6.05 12.63 15.23
CA ASN A 165 5.84 13.27 13.94
C ASN A 165 5.76 14.80 14.01
N ILE A 166 6.50 15.47 13.13
CA ILE A 166 6.43 16.92 13.00
C ILE A 166 6.05 17.28 11.57
N THR A 167 5.68 18.56 11.39
CA THR A 167 5.16 19.06 10.17
C THR A 167 5.85 20.40 9.86
N VAL A 168 5.77 20.85 8.61
CA VAL A 168 6.56 22.02 8.18
C VAL A 168 5.75 22.83 7.16
N GLY A 169 5.53 24.11 7.48
CA GLY A 169 4.98 25.03 6.51
C GLY A 169 6.08 25.85 5.87
N ILE A 170 5.82 26.33 4.65
CA ILE A 170 6.78 27.17 3.97
C ILE A 170 6.17 28.55 3.81
N ASP A 171 6.63 29.49 4.62
CA ASP A 171 6.11 30.87 4.57
C ASP A 171 6.32 31.47 3.23
N GLY A 172 5.32 32.25 2.80
CA GLY A 172 5.40 32.90 1.50
C GLY A 172 4.98 32.02 0.34
N THR A 173 4.51 30.81 0.66
CA THR A 173 4.02 29.89 -0.35
C THR A 173 2.68 29.37 0.12
N ASP A 174 2.07 28.59 -0.77
CA ASP A 174 0.79 27.93 -0.49
C ASP A 174 0.97 26.52 0.09
N ILE A 175 2.19 26.16 0.49
CA ILE A 175 2.56 24.77 0.78
C ILE A 175 2.73 24.50 2.25
N ALA A 176 2.13 23.38 2.70
CA ALA A 176 2.49 22.81 4.00
C ALA A 176 2.70 21.33 3.82
N PHE A 177 3.64 20.81 4.61
CA PHE A 177 4.08 19.42 4.52
C PHE A 177 3.63 18.65 5.76
N GLY A 178 2.77 17.66 5.54
CA GLY A 178 2.24 16.86 6.64
C GLY A 178 3.04 15.60 6.86
N GLY A 179 3.99 15.28 6.01
CA GLY A 179 4.76 14.06 6.15
C GLY A 179 3.83 12.86 6.19
N CYS A 180 4.13 11.94 7.08
CA CYS A 180 3.34 10.72 7.13
C CYS A 180 2.09 10.80 7.97
N LEU A 181 1.87 11.96 8.61
CA LEU A 181 0.66 12.19 9.35
C LEU A 181 -0.58 12.23 8.48
N ILE A 182 -0.48 12.93 7.35
CA ILE A 182 -1.61 13.20 6.47
C ILE A 182 -1.58 12.26 5.29
N LYS A 183 -2.75 11.68 5.02
CA LYS A 183 -2.99 10.83 3.87
C LYS A 183 -3.92 11.56 2.89
N ASP A 184 -3.97 11.10 1.65
CA ASP A 184 -4.67 11.88 0.66
C ASP A 184 -6.19 11.73 0.78
N SER A 185 -6.86 12.65 0.12
CA SER A 185 -8.30 12.78 0.24
C SER A 185 -9.09 11.56 -0.28
N LYS A 186 -8.46 10.67 -1.04
CA LYS A 186 -9.13 9.45 -1.57
C LYS A 186 -8.58 8.19 -0.92
N ALA A 187 -7.74 8.36 0.12
CA ALA A 187 -7.14 7.23 0.79
C ALA A 187 -8.19 6.33 1.46
N LYS A 188 -7.93 5.02 1.44
CA LYS A 188 -8.78 4.05 2.10
C LYS A 188 -8.42 3.82 3.54
N SER A 189 -7.17 4.16 3.91
CA SER A 189 -6.68 3.96 5.25
C SER A 189 -5.61 4.97 5.57
N LEU A 190 -5.18 4.90 6.81
CA LEU A 190 -4.14 5.76 7.32
C LEU A 190 -2.72 5.19 7.20
N GLY A 191 -2.51 4.15 6.40
CA GLY A 191 -1.17 3.60 6.21
C GLY A 191 -0.74 2.81 7.42
N ASN A 192 0.54 2.83 7.74
CA ASN A 192 1.00 2.00 8.83
C ASN A 192 0.63 2.65 10.16
N LEU A 193 -0.25 2.00 10.90
CA LEU A 193 -0.66 2.45 12.23
C LEU A 193 0.04 1.70 13.37
N GLY A 194 1.05 0.91 13.04
CA GLY A 194 1.71 0.11 14.07
C GLY A 194 2.33 0.91 15.21
N ASP A 195 2.84 2.10 14.91
CA ASP A 195 3.46 2.98 15.91
CA ASP A 195 3.49 3.00 15.88
C ASP A 195 2.52 4.18 16.23
N ALA A 196 1.26 4.14 15.79
CA ALA A 196 0.37 5.30 15.86
C ALA A 196 -0.30 5.43 17.20
N ASP A 197 -0.74 6.63 17.48
CA ASP A 197 -1.56 6.97 18.64
C ASP A 197 -2.98 7.12 18.15
N THR A 198 -3.75 6.05 18.28
CA THR A 198 -5.11 6.04 17.73
C THR A 198 -6.06 6.93 18.50
N GLU A 199 -5.79 7.24 19.76
CA GLU A 199 -6.65 8.14 20.53
C GLU A 199 -6.52 9.59 20.08
N HIS A 200 -5.28 10.00 19.85
CA HIS A 200 -4.97 11.44 19.62
C HIS A 200 -4.80 11.82 18.17
N TYR A 201 -4.78 10.83 17.29
CA TYR A 201 -4.49 11.10 15.87
C TYR A 201 -5.40 12.19 15.27
N ALA A 202 -6.71 12.07 15.46
CA ALA A 202 -7.63 13.01 14.82
C ALA A 202 -7.36 14.44 15.24
N ALA A 203 -7.14 14.66 16.53
CA ALA A 203 -6.83 15.99 17.05
C ALA A 203 -5.53 16.49 16.45
N SER A 204 -4.54 15.62 16.31
CA SER A 204 -3.26 16.02 15.73
C SER A 204 -3.38 16.43 14.25
N ALA A 205 -4.18 15.69 13.48
CA ALA A 205 -4.44 16.06 12.09
C ALA A 205 -5.11 17.44 12.03
N ARG A 206 -6.13 17.65 12.87
CA ARG A 206 -6.80 18.95 12.91
C ARG A 206 -5.86 20.07 13.35
N ALA A 207 -4.99 19.79 14.32
CA ALA A 207 -4.05 20.78 14.76
C ALA A 207 -3.10 21.22 13.63
N PHE A 208 -2.66 20.27 12.83
CA PHE A 208 -1.87 20.59 11.64
C PHE A 208 -2.62 21.57 10.71
N GLY A 209 -3.89 21.27 10.44
CA GLY A 209 -4.70 22.15 9.58
C GLY A 209 -4.80 23.56 10.16
N ALA A 210 -5.00 23.65 11.46
CA ALA A 210 -5.19 24.94 12.13
C ALA A 210 -3.89 25.70 12.25
N ALA A 211 -2.76 24.99 12.25
CA ALA A 211 -1.44 25.63 12.35
C ALA A 211 -1.10 26.32 11.05
N PHE A 212 -1.52 25.71 9.95
CA PHE A 212 -1.22 26.18 8.59
C PHE A 212 -2.50 26.48 7.85
N PRO A 213 -3.26 27.48 8.34
CA PRO A 213 -4.64 27.64 7.84
C PRO A 213 -4.70 28.14 6.43
N LYS A 214 -3.64 28.80 6.00
CA LYS A 214 -3.50 29.44 4.72
C LYS A 214 -3.07 28.46 3.61
N ALA A 215 -2.39 27.36 3.92
CA ALA A 215 -1.83 26.41 2.92
C ALA A 215 -2.91 25.72 2.11
N SER A 216 -2.89 25.88 0.79
CA SER A 216 -3.82 25.20 -0.10
C SER A 216 -3.27 23.96 -0.74
N MET A 217 -1.93 23.81 -0.73
CA MET A 217 -1.28 22.64 -1.28
C MET A 217 -0.67 21.86 -0.13
N ILE A 218 -1.23 20.67 0.12
CA ILE A 218 -0.82 19.81 1.21
C ILE A 218 0.04 18.72 0.63
N VAL A 219 1.33 18.72 1.01
CA VAL A 219 2.30 17.74 0.57
C VAL A 219 2.39 16.68 1.65
N MET A 220 2.55 15.43 1.20
CA MET A 220 2.61 14.35 2.16
CA MET A 220 2.46 14.24 2.05
C MET A 220 3.52 13.26 1.67
N SER A 221 3.85 12.31 2.56
CA SER A 221 4.90 11.38 2.22
C SER A 221 4.53 10.40 1.10
N HIS A 222 3.29 9.92 1.06
CA HIS A 222 3.02 8.72 0.21
C HIS A 222 1.96 8.92 -0.83
N SER A 223 1.65 10.17 -1.14
CA SER A 223 0.71 10.52 -2.21
C SER A 223 1.16 11.83 -2.83
N ALA A 224 0.66 12.15 -4.03
CA ALA A 224 0.91 13.41 -4.66
C ALA A 224 0.28 14.56 -3.87
N PRO A 225 0.75 15.79 -4.10
CA PRO A 225 0.17 16.91 -3.36
C PRO A 225 -1.34 17.03 -3.56
N ASP A 226 -2.06 17.38 -2.52
CA ASP A 226 -3.51 17.40 -2.52
C ASP A 226 -4.02 18.73 -1.96
N SER A 227 -5.34 18.92 -2.03
CA SER A 227 -6.01 20.02 -1.38
C SER A 227 -6.12 19.80 0.10
N ARG A 228 -6.72 20.79 0.79
CA ARG A 228 -6.98 20.68 2.20
C ARG A 228 -7.98 19.57 2.54
N ALA A 229 -8.68 19.07 1.53
CA ALA A 229 -9.50 17.88 1.75
C ALA A 229 -8.71 16.67 2.28
N ALA A 230 -7.41 16.59 2.02
CA ALA A 230 -6.56 15.55 2.65
C ALA A 230 -6.56 15.66 4.16
N ILE A 231 -6.57 16.87 4.70
CA ILE A 231 -6.54 17.09 6.12
C ILE A 231 -7.88 16.64 6.73
N THR A 232 -8.96 17.13 6.15
CA THR A 232 -10.31 16.77 6.57
C THR A 232 -10.52 15.25 6.53
N HIS A 233 -10.15 14.65 5.42
CA HIS A 233 -10.33 13.22 5.24
C HIS A 233 -9.48 12.41 6.23
N THR A 234 -8.22 12.81 6.42
CA THR A 234 -7.37 12.16 7.40
C THR A 234 -7.99 12.21 8.79
N ALA A 235 -8.46 13.39 9.18
CA ALA A 235 -9.07 13.57 10.50
C ALA A 235 -10.32 12.69 10.68
N ARG A 236 -11.16 12.63 9.65
CA ARG A 236 -12.37 11.80 9.70
C ARG A 236 -12.05 10.32 9.76
N MET A 237 -11.05 9.87 9.01
CA MET A 237 -10.62 8.47 9.15
C MET A 237 -10.13 8.25 10.58
N ALA A 238 -9.39 9.22 11.14
CA ALA A 238 -8.84 9.04 12.46
C ALA A 238 -9.92 9.08 13.54
N ASP A 239 -10.99 9.83 13.32
CA ASP A 239 -12.10 9.87 14.28
C ASP A 239 -12.64 8.43 14.50
N LYS A 240 -12.56 7.59 13.47
CA LYS A 240 -13.08 6.22 13.53
C LYS A 240 -12.21 5.29 14.35
N LEU A 241 -10.98 5.71 14.66
CA LEU A 241 -10.07 4.89 15.48
C LEU A 241 -10.35 4.98 16.98
N ARG A 242 -11.13 5.98 17.41
CA ARG A 242 -11.27 6.31 18.83
C ARG A 242 -12.30 5.48 19.56
N ILE B 3 -7.82 -5.37 13.70
CA ILE B 3 -6.82 -5.44 12.57
C ILE B 3 -6.99 -4.25 11.62
N ARG B 4 -5.92 -3.45 11.52
CA ARG B 4 -5.89 -2.24 10.72
C ARG B 4 -4.70 -2.36 9.78
N PRO B 5 -4.88 -3.06 8.64
CA PRO B 5 -3.72 -3.29 7.79
C PRO B 5 -3.21 -2.02 7.15
N THR B 6 -1.91 -2.01 6.91
CA THR B 6 -1.28 -0.94 6.17
C THR B 6 -1.76 -0.88 4.71
N ILE B 7 -1.91 -2.06 4.10
CA ILE B 7 -2.42 -2.21 2.74
C ILE B 7 -3.65 -3.13 2.82
N GLY B 8 -4.75 -2.74 2.18
CA GLY B 8 -5.98 -3.56 2.18
C GLY B 8 -7.11 -2.80 2.85
N GLN B 9 -8.33 -3.26 2.60
CA GLN B 9 -9.48 -2.63 3.23
C GLN B 9 -9.41 -2.80 4.74
N GLN B 10 -10.05 -1.86 5.43
CA GLN B 10 -10.21 -1.91 6.88
C GLN B 10 -11.49 -2.65 7.23
N MET B 11 -11.65 -2.91 8.53
CA MET B 11 -12.87 -3.54 9.03
C MET B 11 -14.03 -2.55 9.02
N GLU B 12 -15.20 -3.04 8.65
CA GLU B 12 -16.45 -2.29 8.59
C GLU B 12 -17.55 -3.12 9.22
N THR B 13 -18.72 -2.49 9.40
CA THR B 13 -19.94 -3.17 9.80
C THR B 13 -20.18 -4.35 8.90
N GLY B 14 -20.62 -5.45 9.51
CA GLY B 14 -20.75 -6.74 8.82
C GLY B 14 -19.64 -7.68 9.26
N ASP B 15 -18.40 -7.20 9.15
CA ASP B 15 -17.22 -8.09 9.22
C ASP B 15 -17.14 -8.87 10.52
N GLN B 16 -16.73 -10.11 10.40
CA GLN B 16 -16.52 -11.02 11.52
C GLN B 16 -15.03 -11.28 11.68
N ARG B 17 -14.46 -10.90 12.82
CA ARG B 17 -13.08 -11.28 13.16
C ARG B 17 -13.09 -12.70 13.69
N PHE B 18 -12.24 -13.57 13.14
CA PHE B 18 -12.13 -14.95 13.61
C PHE B 18 -10.64 -15.30 13.65
N GLY B 19 -10.11 -15.44 14.85
CA GLY B 19 -8.67 -15.56 15.00
C GLY B 19 -7.99 -14.38 14.38
N ASP B 20 -7.05 -14.67 13.48
CA ASP B 20 -6.25 -13.66 12.79
C ASP B 20 -6.87 -13.20 11.47
N LEU B 21 -8.08 -13.67 11.15
CA LEU B 21 -8.67 -13.40 9.85
CA LEU B 21 -8.74 -13.46 9.86
C LEU B 21 -9.98 -12.62 10.01
N VAL B 22 -10.50 -12.12 8.88
CA VAL B 22 -11.79 -11.44 8.83
C VAL B 22 -12.62 -12.06 7.72
N PHE B 23 -13.91 -12.24 8.00
CA PHE B 23 -14.84 -12.84 7.09
C PHE B 23 -16.01 -11.88 6.84
N ARG B 24 -16.40 -11.72 5.59
CA ARG B 24 -17.51 -10.82 5.22
C ARG B 24 -18.47 -11.55 4.32
N GLN B 25 -19.74 -11.65 4.69
CA GLN B 25 -20.73 -12.24 3.83
C GLN B 25 -21.04 -11.30 2.67
N LEU B 26 -20.95 -11.79 1.44
CA LEU B 26 -21.24 -10.98 0.25
C LEU B 26 -22.60 -11.31 -0.37
N ALA B 27 -23.07 -12.54 -0.17
CA ALA B 27 -24.34 -13.04 -0.71
C ALA B 27 -24.75 -14.18 0.20
N PRO B 28 -25.99 -14.69 0.07
CA PRO B 28 -26.40 -15.75 0.97
C PRO B 28 -25.45 -16.95 1.02
N ASN B 29 -24.79 -17.21 -0.10
CA ASN B 29 -23.92 -18.37 -0.27
C ASN B 29 -22.46 -18.00 -0.57
N VAL B 30 -22.07 -16.76 -0.36
CA VAL B 30 -20.72 -16.32 -0.71
C VAL B 30 -20.15 -15.48 0.39
N TRP B 31 -18.92 -15.79 0.83
CA TRP B 31 -18.23 -15.02 1.81
C TRP B 31 -16.82 -14.67 1.29
N GLN B 32 -16.30 -13.55 1.73
CA GLN B 32 -14.89 -13.20 1.47
C GLN B 32 -14.06 -13.50 2.70
N HIS B 33 -12.94 -14.21 2.49
CA HIS B 33 -11.96 -14.40 3.54
C HIS B 33 -10.84 -13.42 3.36
N THR B 34 -10.35 -12.89 4.49
CA THR B 34 -9.21 -11.93 4.46
C THR B 34 -8.19 -12.34 5.49
N SER B 35 -6.93 -12.41 5.04
CA SER B 35 -5.79 -12.74 5.91
C SER B 35 -4.71 -11.69 5.71
N TYR B 36 -3.76 -11.65 6.65
CA TYR B 36 -2.82 -10.53 6.77
C TYR B 36 -1.40 -11.02 6.90
N LEU B 37 -0.50 -10.43 6.10
CA LEU B 37 0.93 -10.69 6.17
C LEU B 37 1.61 -9.52 6.82
N ASP B 38 2.27 -9.73 7.96
CA ASP B 38 2.97 -8.64 8.65
C ASP B 38 4.36 -8.56 8.04
N MET B 39 4.67 -7.39 7.52
CA MET B 39 6.02 -7.11 7.04
CA MET B 39 6.01 -7.07 7.00
C MET B 39 6.73 -6.21 8.03
N PRO B 40 7.87 -6.66 8.59
CA PRO B 40 8.53 -5.83 9.59
C PRO B 40 8.84 -4.43 9.10
N GLY B 41 8.47 -3.46 9.93
CA GLY B 41 8.71 -2.06 9.62
C GLY B 41 7.66 -1.43 8.71
N PHE B 42 6.72 -2.21 8.18
CA PHE B 42 5.74 -1.74 7.17
C PHE B 42 4.29 -1.99 7.59
N GLY B 43 4.05 -3.08 8.33
CA GLY B 43 2.74 -3.45 8.83
C GLY B 43 2.13 -4.52 7.97
N ALA B 44 0.84 -4.66 8.13
CA ALA B 44 0.13 -5.80 7.58
C ALA B 44 -0.48 -5.53 6.20
N VAL B 45 -0.43 -6.55 5.36
CA VAL B 45 -0.96 -6.49 4.00
C VAL B 45 -2.13 -7.50 3.93
N ALA B 46 -3.32 -7.01 3.63
CA ALA B 46 -4.49 -7.89 3.46
C ALA B 46 -4.47 -8.60 2.10
N SER B 47 -5.01 -9.81 2.08
CA SER B 47 -5.31 -10.55 0.85
C SER B 47 -6.67 -11.20 1.05
N ASN B 48 -7.47 -11.15 -0.01
CA ASN B 48 -8.84 -11.68 0.02
C ASN B 48 -9.00 -12.87 -0.93
N GLY B 49 -9.81 -13.84 -0.48
CA GLY B 49 -10.35 -14.90 -1.34
C GLY B 49 -11.83 -15.11 -1.07
N LEU B 50 -12.36 -16.21 -1.59
CA LEU B 50 -13.78 -16.50 -1.48
C LEU B 50 -14.08 -17.87 -0.90
N ILE B 51 -15.29 -17.96 -0.30
CA ILE B 51 -15.84 -19.19 0.14
C ILE B 51 -17.26 -19.23 -0.44
N VAL B 52 -17.61 -20.34 -1.07
CA VAL B 52 -18.92 -20.45 -1.72
C VAL B 52 -19.61 -21.74 -1.25
N ARG B 53 -20.85 -21.60 -0.77
CA ARG B 53 -21.65 -22.78 -0.48
C ARG B 53 -22.41 -23.18 -1.72
N ASP B 54 -22.31 -24.47 -2.09
CA ASP B 54 -23.03 -25.05 -3.24
C ASP B 54 -23.77 -26.27 -2.74
N GLY B 55 -24.98 -26.08 -2.20
CA GLY B 55 -25.74 -27.21 -1.64
C GLY B 55 -25.05 -27.74 -0.39
N GLY B 56 -24.75 -29.04 -0.39
CA GLY B 56 -24.17 -29.68 0.78
C GLY B 56 -22.65 -29.67 0.82
N ARG B 57 -21.99 -28.78 0.06
CA ARG B 57 -20.53 -28.70 0.05
C ARG B 57 -20.13 -27.25 -0.13
N VAL B 58 -18.87 -27.01 0.21
CA VAL B 58 -18.24 -25.67 0.15
C VAL B 58 -17.06 -25.69 -0.81
N LEU B 59 -16.86 -24.58 -1.52
CA LEU B 59 -15.80 -24.40 -2.51
C LEU B 59 -14.99 -23.18 -2.07
N VAL B 60 -13.69 -23.27 -2.18
CA VAL B 60 -12.79 -22.17 -1.78
C VAL B 60 -12.03 -21.61 -2.99
N VAL B 61 -11.89 -20.28 -3.02
CA VAL B 61 -11.02 -19.60 -3.99
C VAL B 61 -9.92 -18.90 -3.21
N ASP B 62 -8.70 -19.36 -3.48
CA ASP B 62 -7.43 -18.89 -2.90
C ASP B 62 -7.20 -19.31 -1.47
N THR B 63 -5.92 -19.55 -1.16
CA THR B 63 -5.55 -19.78 0.22
C THR B 63 -5.37 -18.43 0.90
N ALA B 64 -5.01 -18.48 2.17
CA ALA B 64 -4.46 -17.31 2.88
C ALA B 64 -2.93 -17.28 2.63
N TRP B 65 -2.25 -16.29 3.23
CA TRP B 65 -0.81 -16.16 3.05
C TRP B 65 -0.03 -17.33 3.59
N THR B 66 -0.53 -17.99 4.63
CA THR B 66 0.20 -19.04 5.31
C THR B 66 -0.69 -20.27 5.54
N ASP B 67 -0.03 -21.39 5.83
CA ASP B 67 -0.73 -22.61 6.24
C ASP B 67 -1.57 -22.40 7.47
N ASP B 68 -1.02 -21.76 8.51
N ASP B 68 -0.99 -21.78 8.49
CA ASP B 68 -1.81 -21.60 9.72
CA ASP B 68 -1.70 -21.54 9.74
C ASP B 68 -3.05 -20.73 9.48
C ASP B 68 -2.99 -20.75 9.49
N GLN B 69 -2.90 -19.66 8.70
CA GLN B 69 -4.08 -18.85 8.37
C GLN B 69 -5.10 -19.66 7.55
N THR B 70 -4.61 -20.50 6.66
CA THR B 70 -5.50 -21.30 5.81
C THR B 70 -6.23 -22.33 6.66
N ALA B 71 -5.56 -22.93 7.65
CA ALA B 71 -6.23 -23.82 8.58
C ALA B 71 -7.34 -23.05 9.32
N GLN B 72 -7.08 -21.79 9.67
CA GLN B 72 -8.09 -20.97 10.30
C GLN B 72 -9.30 -20.78 9.40
N ILE B 73 -9.10 -20.59 8.09
CA ILE B 73 -10.23 -20.51 7.18
C ILE B 73 -11.09 -21.79 7.29
N LEU B 74 -10.40 -22.93 7.27
CA LEU B 74 -11.11 -24.21 7.37
C LEU B 74 -11.86 -24.33 8.69
N ASN B 75 -11.26 -23.81 9.75
CA ASN B 75 -11.95 -23.84 11.06
C ASN B 75 -13.18 -22.92 11.06
N TRP B 76 -13.09 -21.76 10.41
CA TRP B 76 -14.26 -20.88 10.28
C TRP B 76 -15.36 -21.59 9.49
N ILE B 77 -15.02 -22.24 8.37
CA ILE B 77 -15.99 -22.94 7.58
C ILE B 77 -16.70 -24.01 8.44
N LYS B 78 -15.92 -24.75 9.24
CA LYS B 78 -16.48 -25.80 10.10
C LYS B 78 -17.46 -25.21 11.10
N GLN B 79 -17.11 -24.08 11.69
CA GLN B 79 -17.95 -23.43 12.73
C GLN B 79 -19.21 -22.82 12.14
N GLU B 80 -19.08 -22.09 11.03
CA GLU B 80 -20.16 -21.24 10.52
C GLU B 80 -21.04 -21.93 9.51
N ILE B 81 -20.50 -22.91 8.78
CA ILE B 81 -21.21 -23.59 7.73
C ILE B 81 -21.37 -25.07 8.04
N ASN B 82 -20.32 -25.70 8.56
CA ASN B 82 -20.40 -27.12 8.96
C ASN B 82 -20.75 -28.04 7.79
N LEU B 83 -20.08 -27.79 6.64
CA LEU B 83 -20.19 -28.63 5.46
C LEU B 83 -18.78 -28.88 4.93
N PRO B 84 -18.57 -29.97 4.19
CA PRO B 84 -17.22 -30.29 3.72
C PRO B 84 -16.78 -29.42 2.58
N VAL B 85 -15.47 -29.18 2.53
CA VAL B 85 -14.89 -28.42 1.44
C VAL B 85 -14.53 -29.41 0.35
N ALA B 86 -15.16 -29.26 -0.81
CA ALA B 86 -14.96 -30.18 -1.91
C ALA B 86 -13.66 -29.93 -2.63
N LEU B 87 -13.32 -28.66 -2.87
CA LEU B 87 -12.19 -28.31 -3.67
C LEU B 87 -11.86 -26.86 -3.43
N ALA B 88 -10.63 -26.52 -3.80
CA ALA B 88 -10.15 -25.15 -3.83
C ALA B 88 -9.53 -24.88 -5.19
N VAL B 89 -9.72 -23.67 -5.70
CA VAL B 89 -9.11 -23.11 -6.92
CA VAL B 89 -9.02 -23.19 -6.86
C VAL B 89 -8.21 -21.99 -6.42
N VAL B 90 -6.95 -21.99 -6.83
CA VAL B 90 -6.01 -20.93 -6.46
C VAL B 90 -5.60 -20.17 -7.74
N THR B 91 -5.47 -18.84 -7.64
CA THR B 91 -5.56 -18.03 -8.83
C THR B 91 -4.25 -17.51 -9.44
N HIS B 92 -3.11 -17.74 -8.80
CA HIS B 92 -1.79 -17.65 -9.40
C HIS B 92 -0.76 -18.03 -8.37
N ALA B 93 0.46 -18.22 -8.88
CA ALA B 93 1.57 -18.72 -8.05
C ALA B 93 2.35 -17.63 -7.30
N HIS B 94 1.63 -16.89 -6.45
CA HIS B 94 2.23 -16.01 -5.47
C HIS B 94 1.73 -16.39 -4.09
N GLN B 95 2.42 -15.95 -3.07
CA GLN B 95 2.19 -16.37 -1.69
C GLN B 95 0.83 -16.02 -1.18
N ASP B 96 0.30 -14.87 -1.57
CA ASP B 96 -1.03 -14.48 -1.13
C ASP B 96 -2.16 -15.41 -1.57
N LYS B 97 -1.95 -16.12 -2.68
CA LYS B 97 -2.97 -16.99 -3.27
C LYS B 97 -2.68 -18.46 -3.04
N MET B 98 -1.40 -18.84 -2.86
CA MET B 98 -0.98 -20.26 -2.76
C MET B 98 -0.12 -20.56 -1.54
N GLY B 99 0.06 -19.60 -0.64
CA GLY B 99 0.89 -19.82 0.52
C GLY B 99 0.40 -20.91 1.45
N GLY B 100 -0.89 -21.21 1.44
CA GLY B 100 -1.50 -22.16 2.35
C GLY B 100 -1.86 -23.52 1.76
N MET B 101 -1.25 -23.92 0.66
CA MET B 101 -1.59 -25.16 0.00
CA MET B 101 -1.60 -25.16 -0.02
C MET B 101 -1.46 -26.37 0.92
N ASP B 102 -0.42 -26.41 1.75
CA ASP B 102 -0.22 -27.55 2.61
C ASP B 102 -1.37 -27.77 3.57
N ALA B 103 -1.97 -26.70 4.06
CA ALA B 103 -3.13 -26.84 4.97
C ALA B 103 -4.31 -27.46 4.23
N LEU B 104 -4.53 -27.08 2.98
CA LEU B 104 -5.59 -27.68 2.20
C LEU B 104 -5.34 -29.17 1.96
N HIS B 105 -4.10 -29.51 1.60
CA HIS B 105 -3.75 -30.91 1.34
C HIS B 105 -3.87 -31.75 2.61
N ALA B 106 -3.43 -31.23 3.73
CA ALA B 106 -3.54 -31.96 4.99
C ALA B 106 -5.00 -32.24 5.34
N ALA B 107 -5.90 -31.34 4.99
CA ALA B 107 -7.30 -31.50 5.22
C ALA B 107 -8.00 -32.42 4.23
N GLY B 108 -7.31 -32.86 3.21
CA GLY B 108 -7.85 -33.72 2.21
C GLY B 108 -8.65 -33.06 1.12
N ILE B 109 -8.40 -31.76 0.93
CA ILE B 109 -9.16 -30.99 -0.07
C ILE B 109 -8.45 -31.04 -1.41
N ALA B 110 -9.21 -31.34 -2.44
CA ALA B 110 -8.67 -31.37 -3.82
C ALA B 110 -8.35 -29.95 -4.28
N THR B 111 -7.17 -29.75 -4.84
CA THR B 111 -6.72 -28.42 -5.22
C THR B 111 -6.50 -28.33 -6.73
N TYR B 112 -6.85 -27.17 -7.28
CA TYR B 112 -6.79 -26.89 -8.71
C TYR B 112 -6.14 -25.54 -8.95
N ALA B 113 -5.31 -25.47 -10.01
CA ALA B 113 -4.73 -24.20 -10.41
C ALA B 113 -4.47 -24.29 -11.89
N ASN B 114 -4.31 -23.16 -12.56
CA ASN B 114 -3.77 -23.14 -13.93
C ASN B 114 -2.54 -24.04 -13.97
N ALA B 115 -2.42 -24.86 -15.01
CA ALA B 115 -1.21 -25.66 -15.26
C ALA B 115 0.05 -24.83 -15.12
N LEU B 116 0.03 -23.61 -15.68
CA LEU B 116 1.18 -22.70 -15.56
C LEU B 116 1.48 -22.34 -14.12
N SER B 117 0.43 -22.09 -13.34
CA SER B 117 0.68 -21.81 -11.93
C SER B 117 1.36 -22.98 -11.21
N ASN B 118 0.94 -24.19 -11.57
CA ASN B 118 1.56 -25.38 -10.99
C ASN B 118 3.01 -25.58 -11.43
N GLN B 119 3.31 -25.16 -12.64
CA GLN B 119 4.67 -25.18 -13.16
C GLN B 119 5.54 -24.12 -12.51
N LEU B 120 4.96 -22.95 -12.22
CA LEU B 120 5.69 -21.85 -11.60
C LEU B 120 5.84 -22.00 -10.08
N ALA B 121 4.86 -22.59 -9.42
CA ALA B 121 4.83 -22.61 -7.92
C ALA B 121 6.16 -23.07 -7.31
N PRO B 122 6.73 -24.16 -7.80
N PRO B 122 6.74 -24.19 -7.81
CA PRO B 122 7.97 -24.63 -7.21
CA PRO B 122 8.01 -24.60 -7.19
C PRO B 122 9.14 -23.66 -7.41
C PRO B 122 9.13 -23.61 -7.36
N GLN B 123 9.08 -22.81 -8.44
CA GLN B 123 10.10 -21.81 -8.68
C GLN B 123 9.98 -20.63 -7.69
N GLU B 124 8.85 -20.53 -7.00
CA GLU B 124 8.62 -19.60 -5.91
C GLU B 124 8.68 -20.29 -4.54
N GLY B 125 9.18 -21.51 -4.44
CA GLY B 125 9.28 -22.23 -3.16
C GLY B 125 7.97 -22.76 -2.63
N MET B 126 6.91 -22.71 -3.43
CA MET B 126 5.57 -23.10 -3.03
C MET B 126 5.20 -24.41 -3.62
N VAL B 127 4.06 -24.92 -3.16
CA VAL B 127 3.61 -26.27 -3.47
C VAL B 127 2.56 -26.15 -4.55
N ALA B 128 2.68 -26.93 -5.61
CA ALA B 128 1.70 -26.92 -6.67
C ALA B 128 0.35 -27.47 -6.17
N ALA B 129 -0.73 -27.05 -6.83
CA ALA B 129 -2.00 -27.73 -6.66
C ALA B 129 -1.90 -29.12 -7.23
N GLN B 130 -2.82 -29.99 -6.81
CA GLN B 130 -2.80 -31.40 -7.21
C GLN B 130 -3.37 -31.66 -8.56
N HIS B 131 -4.07 -30.69 -9.14
CA HIS B 131 -4.70 -30.81 -10.44
C HIS B 131 -4.48 -29.52 -11.21
N SER B 132 -4.39 -29.67 -12.53
CA SER B 132 -4.14 -28.55 -13.43
C SER B 132 -5.33 -28.25 -14.29
N LEU B 133 -5.69 -26.95 -14.33
CA LEU B 133 -6.68 -26.41 -15.26
C LEU B 133 -5.99 -26.01 -16.54
N THR B 134 -6.67 -26.25 -17.64
CA THR B 134 -6.19 -25.68 -18.91
C THR B 134 -7.31 -24.92 -19.55
N PHE B 135 -6.94 -24.09 -20.53
CA PHE B 135 -7.82 -23.06 -21.06
C PHE B 135 -7.84 -23.09 -22.57
N ALA B 136 -8.98 -22.70 -23.12
CA ALA B 136 -9.14 -22.48 -24.54
C ALA B 136 -8.46 -21.20 -24.98
N ALA B 137 -8.40 -21.00 -26.29
CA ALA B 137 -7.78 -19.82 -26.88
C ALA B 137 -8.53 -18.53 -26.54
N ASN B 138 -9.80 -18.62 -26.16
CA ASN B 138 -10.57 -17.46 -25.76
C ASN B 138 -10.61 -17.29 -24.24
N GLY B 139 -9.89 -18.11 -23.49
CA GLY B 139 -9.73 -17.98 -22.04
C GLY B 139 -10.65 -18.83 -21.19
N TRP B 140 -11.69 -19.45 -21.76
CA TRP B 140 -12.56 -20.27 -20.90
C TRP B 140 -11.88 -21.56 -20.52
N VAL B 141 -12.08 -21.99 -19.28
CA VAL B 141 -11.49 -23.25 -18.82
C VAL B 141 -12.03 -24.43 -19.62
N GLU B 142 -11.16 -25.40 -19.88
CA GLU B 142 -11.60 -26.65 -20.49
C GLU B 142 -12.40 -27.46 -19.46
N PRO B 143 -13.71 -27.73 -19.73
CA PRO B 143 -14.55 -28.27 -18.66
C PRO B 143 -14.09 -29.60 -18.09
N ALA B 144 -13.46 -30.43 -18.90
CA ALA B 144 -12.99 -31.71 -18.35
C ALA B 144 -11.92 -31.54 -17.30
N THR B 145 -11.20 -30.39 -17.31
CA THR B 145 -10.19 -30.12 -16.31
C THR B 145 -10.74 -29.54 -15.04
N ALA B 146 -12.04 -29.18 -15.04
CA ALA B 146 -12.68 -28.51 -13.91
C ALA B 146 -13.94 -29.30 -13.50
N PRO B 147 -13.75 -30.55 -13.07
CA PRO B 147 -14.91 -31.42 -12.87
C PRO B 147 -15.65 -30.99 -11.61
N ASN B 148 -16.98 -30.99 -11.72
CA ASN B 148 -17.84 -30.74 -10.60
C ASN B 148 -17.53 -29.42 -9.87
N PHE B 149 -17.27 -28.38 -10.67
CA PHE B 149 -16.95 -27.06 -10.11
C PHE B 149 -18.19 -26.27 -9.71
N GLY B 150 -19.40 -26.82 -9.94
CA GLY B 150 -20.62 -26.14 -9.51
C GLY B 150 -20.66 -24.74 -10.06
N PRO B 151 -20.88 -23.74 -9.20
CA PRO B 151 -21.01 -22.38 -9.70
C PRO B 151 -19.71 -21.70 -10.05
N LEU B 152 -18.54 -22.31 -9.84
CA LEU B 152 -17.29 -21.61 -10.16
C LEU B 152 -17.03 -21.71 -11.65
N LYS B 153 -16.99 -20.55 -12.29
CA LYS B 153 -16.77 -20.43 -13.74
C LYS B 153 -15.42 -19.80 -13.91
N VAL B 154 -14.44 -20.63 -14.28
CA VAL B 154 -13.04 -20.16 -14.29
C VAL B 154 -12.70 -19.65 -15.69
N PHE B 155 -12.03 -18.49 -15.70
CA PHE B 155 -11.67 -17.79 -16.93
C PHE B 155 -10.23 -17.29 -16.84
N TYR B 156 -9.41 -17.61 -17.84
CA TYR B 156 -8.07 -17.06 -17.97
C TYR B 156 -8.09 -15.86 -18.89
N PRO B 157 -7.87 -14.65 -18.35
CA PRO B 157 -8.10 -13.46 -19.16
C PRO B 157 -6.92 -13.04 -20.01
N GLY B 158 -5.78 -13.73 -19.89
CA GLY B 158 -4.56 -13.32 -20.52
C GLY B 158 -3.59 -12.81 -19.49
N PRO B 159 -2.33 -12.57 -19.91
CA PRO B 159 -1.32 -12.15 -18.94
C PRO B 159 -1.59 -10.75 -18.43
N GLY B 160 -1.35 -10.50 -17.18
CA GLY B 160 -1.59 -9.18 -16.60
C GLY B 160 -0.73 -8.98 -15.39
N HIS B 161 -1.31 -9.15 -14.21
CA HIS B 161 -0.54 -9.12 -12.98
C HIS B 161 0.56 -10.16 -13.00
N THR B 162 0.22 -11.33 -13.51
CA THR B 162 1.20 -12.37 -13.85
C THR B 162 0.76 -13.03 -15.13
N SER B 163 1.62 -13.88 -15.70
CA SER B 163 1.24 -14.61 -16.88
CA SER B 163 1.21 -14.59 -16.89
C SER B 163 0.22 -15.70 -16.62
N ASP B 164 0.16 -16.19 -15.38
CA ASP B 164 -0.72 -17.30 -15.00
C ASP B 164 -2.04 -16.93 -14.37
N ASN B 165 -2.28 -15.63 -14.10
CA ASN B 165 -3.42 -15.20 -13.32
C ASN B 165 -4.73 -15.70 -13.94
N ILE B 166 -5.61 -16.25 -13.09
CA ILE B 166 -6.94 -16.65 -13.51
C ILE B 166 -7.97 -15.93 -12.65
N THR B 167 -9.23 -15.99 -13.12
CA THR B 167 -10.33 -15.28 -12.52
C THR B 167 -11.50 -16.27 -12.40
N VAL B 168 -12.48 -15.91 -11.58
CA VAL B 168 -13.58 -16.86 -11.28
C VAL B 168 -14.90 -16.12 -11.15
N GLY B 169 -15.84 -16.42 -12.02
CA GLY B 169 -17.23 -15.92 -11.82
C GLY B 169 -17.99 -16.87 -10.94
N ILE B 170 -18.93 -16.37 -10.15
CA ILE B 170 -19.76 -17.21 -9.33
CA ILE B 170 -19.79 -17.24 -9.34
C ILE B 170 -21.15 -17.26 -9.99
N ASP B 171 -21.41 -18.32 -10.72
CA ASP B 171 -22.69 -18.48 -11.39
CA ASP B 171 -22.71 -18.56 -11.41
C ASP B 171 -23.83 -18.47 -10.38
N GLY B 172 -24.98 -17.95 -10.81
CA GLY B 172 -26.11 -17.81 -9.93
C GLY B 172 -26.01 -16.65 -8.96
N THR B 173 -25.02 -15.78 -9.20
CA THR B 173 -24.83 -14.57 -8.43
C THR B 173 -24.37 -13.49 -9.40
N ASP B 174 -24.30 -12.30 -8.87
CA ASP B 174 -23.77 -11.16 -9.64
C ASP B 174 -22.33 -10.84 -9.24
N ILE B 175 -21.58 -11.82 -8.75
CA ILE B 175 -20.23 -11.64 -8.28
C ILE B 175 -19.22 -12.28 -9.21
N ALA B 176 -18.10 -11.57 -9.43
CA ALA B 176 -16.96 -12.15 -10.12
C ALA B 176 -15.68 -11.75 -9.38
N PHE B 177 -14.72 -12.66 -9.37
CA PHE B 177 -13.47 -12.51 -8.61
C PHE B 177 -12.32 -12.29 -9.59
N GLY B 178 -11.69 -11.13 -9.50
CA GLY B 178 -10.56 -10.81 -10.35
C GLY B 178 -9.21 -11.10 -9.73
N GLY B 179 -9.15 -11.49 -8.45
CA GLY B 179 -7.87 -11.78 -7.81
C GLY B 179 -6.95 -10.59 -7.89
N CYS B 180 -5.68 -10.85 -8.14
CA CYS B 180 -4.72 -9.76 -8.14
C CYS B 180 -4.60 -9.01 -9.46
N LEU B 181 -5.36 -9.45 -10.48
CA LEU B 181 -5.42 -8.72 -11.73
C LEU B 181 -6.07 -7.35 -11.55
N ILE B 182 -7.16 -7.31 -10.79
CA ILE B 182 -8.01 -6.13 -10.68
C ILE B 182 -7.72 -5.38 -9.42
N LYS B 183 -7.55 -4.06 -9.55
CA LYS B 183 -7.41 -3.15 -8.44
C LYS B 183 -8.65 -2.28 -8.34
N ASP B 184 -8.78 -1.60 -7.20
CA ASP B 184 -10.06 -0.92 -6.95
C ASP B 184 -10.17 0.36 -7.78
N SER B 185 -11.39 0.86 -7.84
CA SER B 185 -11.71 2.00 -8.70
C SER B 185 -11.00 3.30 -8.28
N LYS B 186 -10.45 3.37 -7.08
CA LYS B 186 -9.71 4.56 -6.59
C LYS B 186 -8.24 4.28 -6.43
N ALA B 187 -7.77 3.15 -6.95
CA ALA B 187 -6.37 2.81 -6.79
C ALA B 187 -5.43 3.76 -7.50
N LYS B 188 -4.29 4.00 -6.86
CA LYS B 188 -3.29 4.87 -7.42
C LYS B 188 -2.33 4.11 -8.32
N SER B 189 -2.27 2.78 -8.20
CA SER B 189 -1.36 1.96 -8.97
C SER B 189 -1.95 0.58 -9.17
N LEU B 190 -1.24 -0.17 -10.02
CA LEU B 190 -1.58 -1.56 -10.29
C LEU B 190 -0.89 -2.54 -9.32
N GLY B 191 -0.36 -2.09 -8.19
CA GLY B 191 0.22 -3.01 -7.24
C GLY B 191 1.55 -3.50 -7.71
N ASN B 192 1.89 -4.72 -7.33
CA ASN B 192 3.21 -5.19 -7.73
C ASN B 192 3.21 -5.61 -9.18
N LEU B 193 3.98 -4.90 -10.00
CA LEU B 193 4.18 -5.26 -11.40
C LEU B 193 5.46 -6.06 -11.69
N GLY B 194 6.10 -6.57 -10.64
CA GLY B 194 7.37 -7.30 -10.84
C GLY B 194 7.29 -8.48 -11.79
N ASP B 195 6.17 -9.18 -11.79
CA ASP B 195 5.97 -10.34 -12.66
C ASP B 195 4.92 -10.05 -13.74
N ALA B 196 4.60 -8.77 -13.96
CA ALA B 196 3.47 -8.39 -14.82
C ALA B 196 3.84 -8.35 -16.28
N ASP B 197 2.84 -8.48 -17.11
CA ASP B 197 2.95 -8.29 -18.55
C ASP B 197 2.34 -6.95 -18.87
N THR B 198 3.19 -5.93 -19.01
CA THR B 198 2.72 -4.57 -19.18
C THR B 198 2.13 -4.33 -20.56
N GLU B 199 2.52 -5.14 -21.54
CA GLU B 199 2.00 -5.00 -22.88
C GLU B 199 0.55 -5.44 -22.95
N HIS B 200 0.26 -6.59 -22.32
CA HIS B 200 -1.06 -7.24 -22.47
C HIS B 200 -2.04 -6.94 -21.33
N TYR B 201 -1.56 -6.31 -20.27
CA TYR B 201 -2.41 -6.14 -19.08
C TYR B 201 -3.77 -5.52 -19.38
N ALA B 202 -3.79 -4.39 -20.12
CA ALA B 202 -5.06 -3.71 -20.33
C ALA B 202 -6.07 -4.60 -21.01
N ALA B 203 -5.63 -5.28 -22.07
CA ALA B 203 -6.53 -6.18 -22.78
C ALA B 203 -7.01 -7.32 -21.85
N SER B 204 -6.12 -7.83 -20.98
CA SER B 204 -6.53 -8.90 -20.07
C SER B 204 -7.59 -8.41 -19.07
N ALA B 205 -7.39 -7.21 -18.50
CA ALA B 205 -8.39 -6.64 -17.62
C ALA B 205 -9.73 -6.51 -18.31
N ARG B 206 -9.71 -5.96 -19.53
CA ARG B 206 -10.96 -5.84 -20.29
C ARG B 206 -11.58 -7.19 -20.64
N ALA B 207 -10.74 -8.19 -20.93
CA ALA B 207 -11.25 -9.50 -21.22
C ALA B 207 -12.00 -10.12 -20.03
N PHE B 208 -11.47 -9.90 -18.81
CA PHE B 208 -12.20 -10.31 -17.61
C PHE B 208 -13.57 -9.66 -17.54
N GLY B 209 -13.61 -8.35 -17.79
CA GLY B 209 -14.92 -7.70 -17.76
C GLY B 209 -15.90 -8.24 -18.78
N ALA B 210 -15.41 -8.56 -19.97
CA ALA B 210 -16.25 -9.07 -21.02
C ALA B 210 -16.66 -10.54 -20.79
N ALA B 211 -15.86 -11.29 -20.05
CA ALA B 211 -16.20 -12.67 -19.69
C ALA B 211 -17.39 -12.75 -18.76
N PHE B 212 -17.49 -11.75 -17.86
CA PHE B 212 -18.53 -11.69 -16.86
C PHE B 212 -19.23 -10.35 -16.96
N PRO B 213 -19.96 -10.14 -18.07
CA PRO B 213 -20.48 -8.79 -18.37
C PRO B 213 -21.59 -8.32 -17.50
N LYS B 214 -22.22 -9.23 -16.76
CA LYS B 214 -23.33 -8.87 -15.88
C LYS B 214 -22.96 -9.00 -14.42
N ALA B 215 -21.68 -9.19 -14.11
CA ALA B 215 -21.24 -9.15 -12.71
C ALA B 215 -21.19 -7.72 -12.24
N SER B 216 -21.94 -7.38 -11.22
CA SER B 216 -21.94 -6.05 -10.66
C SER B 216 -21.05 -5.86 -9.44
N MET B 217 -20.71 -6.97 -8.75
CA MET B 217 -19.83 -6.92 -7.58
C MET B 217 -18.53 -7.61 -8.00
N ILE B 218 -17.45 -6.84 -7.99
CA ILE B 218 -16.12 -7.30 -8.39
C ILE B 218 -15.29 -7.41 -7.13
N VAL B 219 -14.88 -8.65 -6.84
CA VAL B 219 -14.08 -8.96 -5.70
C VAL B 219 -12.63 -9.08 -6.16
N MET B 220 -11.72 -8.64 -5.31
CA MET B 220 -10.31 -8.63 -5.69
C MET B 220 -9.44 -8.87 -4.48
N SER B 221 -8.15 -9.10 -4.72
CA SER B 221 -7.31 -9.56 -3.66
C SER B 221 -7.01 -8.51 -2.59
N HIS B 222 -6.85 -7.23 -2.95
CA HIS B 222 -6.24 -6.29 -1.99
C HIS B 222 -7.07 -5.06 -1.69
N SER B 223 -8.36 -5.14 -1.99
CA SER B 223 -9.29 -4.10 -1.56
CA SER B 223 -9.33 -4.07 -1.68
C SER B 223 -10.67 -4.70 -1.43
N ALA B 224 -11.59 -3.93 -0.85
CA ALA B 224 -12.93 -4.37 -0.62
C ALA B 224 -13.69 -4.57 -1.93
N PRO B 225 -14.78 -5.32 -1.93
CA PRO B 225 -15.52 -5.50 -3.15
C PRO B 225 -15.97 -4.17 -3.73
N ASP B 226 -15.96 -4.07 -5.04
CA ASP B 226 -16.18 -2.83 -5.72
C ASP B 226 -17.16 -3.04 -6.87
N SER B 227 -17.48 -1.94 -7.54
CA SER B 227 -18.27 -1.95 -8.74
C SER B 227 -17.42 -2.33 -9.95
N ARG B 228 -18.06 -2.35 -11.11
CA ARG B 228 -17.34 -2.56 -12.37
C ARG B 228 -16.35 -1.44 -12.69
N ALA B 229 -16.43 -0.31 -11.96
CA ALA B 229 -15.41 0.70 -12.13
C ALA B 229 -14.03 0.21 -11.74
N ALA B 230 -13.94 -0.84 -10.93
CA ALA B 230 -12.63 -1.42 -10.65
C ALA B 230 -12.01 -1.98 -11.94
N ILE B 231 -12.84 -2.63 -12.76
CA ILE B 231 -12.33 -3.22 -14.01
C ILE B 231 -11.91 -2.09 -14.95
N THR B 232 -12.78 -1.09 -15.15
CA THR B 232 -12.49 -0.05 -16.11
C THR B 232 -11.32 0.81 -15.65
N HIS B 233 -11.22 1.08 -14.37
CA HIS B 233 -10.11 1.86 -13.85
C HIS B 233 -8.79 1.07 -13.97
N THR B 234 -8.84 -0.22 -13.63
CA THR B 234 -7.66 -1.05 -13.81
C THR B 234 -7.18 -0.98 -15.28
N ALA B 235 -8.10 -1.15 -16.21
CA ALA B 235 -7.75 -1.13 -17.61
C ALA B 235 -7.17 0.22 -18.05
N ARG B 236 -7.74 1.32 -17.53
CA ARG B 236 -7.23 2.63 -17.86
C ARG B 236 -5.82 2.82 -17.31
N MET B 237 -5.57 2.36 -16.09
CA MET B 237 -4.20 2.44 -15.51
C MET B 237 -3.24 1.60 -16.37
N ALA B 238 -3.70 0.42 -16.84
CA ALA B 238 -2.87 -0.44 -17.63
C ALA B 238 -2.60 0.12 -19.00
N ASP B 239 -3.52 0.88 -19.57
CA ASP B 239 -3.30 1.52 -20.88
C ASP B 239 -2.04 2.37 -20.83
N LYS B 240 -1.73 2.94 -19.65
CA LYS B 240 -0.55 3.84 -19.50
C LYS B 240 0.76 3.10 -19.49
N LEU B 241 0.72 1.79 -19.30
CA LEU B 241 1.93 0.98 -19.26
C LEU B 241 2.49 0.59 -20.62
N ARG B 242 1.74 0.84 -21.69
CA ARG B 242 2.11 0.33 -23.02
C ARG B 242 2.77 1.43 -23.80
ZN ZN C . 6.49 6.57 9.61
ZN ZN D . 5.80 7.01 5.90
S SO4 E . -14.27 13.57 23.09
O1 SO4 E . -15.56 13.34 23.84
O2 SO4 E . -14.48 13.32 21.64
O3 SO4 E . -13.17 12.67 23.59
O4 SO4 E . -13.82 15.00 23.23
CAZ 3S0 F . 3.43 3.45 3.78
CAT 3S0 F . 3.64 3.13 5.26
CAS 3S0 F . 4.25 4.39 5.82
CAW 3S0 F . 3.28 5.40 6.32
OAX 3S0 F . 3.80 6.58 6.50
OAY 3S0 F . 2.11 5.12 6.55
NAR 3S0 F . 5.49 4.66 5.97
CAU 3S0 F . 4.54 1.92 5.43
SAV 3S0 F . 6.22 2.23 4.84
CB 3S0 F . 6.63 3.73 5.79
CA 3S0 F . 7.19 3.48 7.27
C 3S0 F . 6.15 3.13 8.32
O 3S0 F . 5.57 4.08 8.87
OXT 3S0 F . 5.94 1.93 8.61
N 3S0 F . 8.15 2.39 7.29
CAJ 3S0 F . 9.47 2.59 7.26
OAK 3S0 F . 9.98 3.66 6.99
CAF 3S0 F . 10.29 1.38 7.54
NAG 3S0 F . 11.07 1.28 8.56
OAH 3S0 F . 11.00 2.46 9.40
CAI 3S0 F . 11.75 2.23 10.60
CAE 3S0 F . 10.25 0.28 6.63
CAD 3S0 F . 10.88 -0.90 6.79
OAA 3S0 F . 9.51 0.25 5.48
CAB 3S0 F . 9.69 -1.02 4.94
CAC 3S0 F . 10.50 -1.72 5.70
CL UNL G . 2.29 2.30 2.92
CL UNL H . 0.28 -4.23 -2.45
ZN ZN I . 0.54 -11.88 -7.32
ZN ZN J . -1.66 -10.09 -4.75
CAZ 3S0 K . -0.01 -6.01 -2.94
CAT 3S0 K . 0.99 -6.56 -3.95
CAS 3S0 K . 0.27 -7.73 -4.54
CAW 3S0 K . -0.53 -7.47 -5.76
OAX 3S0 K . -0.38 -6.44 -6.45
OAY 3S0 K . -1.39 -8.39 -6.04
NAR 3S0 K . 0.29 -8.93 -4.13
CAU 3S0 K . 2.27 -6.95 -3.23
SAV 3S0 K . 1.96 -8.25 -2.02
CB 3S0 K . 1.19 -9.49 -3.10
CA 3S0 K . 2.20 -10.45 -3.87
C 3S0 K . 2.77 -9.81 -5.13
O 3S0 K . 3.89 -9.18 -4.85
OXT 3S0 K . 2.29 -9.90 -6.20
N 3S0 K . 3.35 -10.83 -3.10
CAJ 3S0 K . 3.50 -12.07 -2.65
OAK 3S0 K . 2.58 -12.86 -2.63
CAF 3S0 K . 4.83 -12.41 -2.10
NAG 3S0 K . 5.53 -13.41 -2.52
OAH 3S0 K . 4.87 -14.07 -3.61
CAI 3S0 K . 5.58 -15.27 -3.93
CAE 3S0 K . 5.32 -11.61 -0.99
CAD 3S0 K . 6.47 -11.64 -0.27
OAA 3S0 K . 4.54 -10.56 -0.56
CAB 3S0 K . 5.25 -9.92 0.45
CAC 3S0 K . 6.40 -10.52 0.67
#